data_6CHO
#
_entry.id   6CHO
#
_cell.length_a   134.587
_cell.length_b   134.587
_cell.length_c   134.587
_cell.angle_alpha   90.000
_cell.angle_beta   90.000
_cell.angle_gamma   90.000
#
_symmetry.space_group_name_H-M   'I 2 3'
#
loop_
_entity.id
_entity.type
_entity.pdbx_description
1 polymer 'Phosphopantetheine adenylyltransferase'
2 non-polymer 2-({(1R)-1-[3-(4-methoxyphenoxy)phenyl]ethyl}amino)-5-methyl[1,2,4]triazolo[1,5-a]pyrimidin-7(6H)-one
3 non-polymer 'SULFATE ION'
4 non-polymer 'TETRAETHYLENE GLYCOL'
5 water water
#
_entity_poly.entity_id   1
_entity_poly.type   'polypeptide(L)'
_entity_poly.pdbx_seq_one_letter_code
;MQKRAIYPGTFDPITNGHIDIVTRATQMFDHVILAIAASPSKKPMFTLEERVALAQQATAHLGNVEVVGFSDLMANFARN
QHATVLIRGLRAVADFEYEMQLAHMNRHLMPELESVFLMPSKEWSFISSSLVKEVARHQGDVTHFLPENVHQALMAKLAV
D
;
_entity_poly.pdbx_strand_id   A,B
#
# COMPACT_ATOMS: atom_id res chain seq x y z
N MET A 1 -0.85 6.12 -17.61
CA MET A 1 -2.24 6.04 -17.16
C MET A 1 -2.75 7.37 -16.60
N GLN A 2 -1.94 8.45 -16.69
CA GLN A 2 -2.19 9.82 -16.18
C GLN A 2 -2.83 9.76 -14.76
N LYS A 3 -2.17 9.00 -13.86
CA LYS A 3 -2.65 8.72 -12.51
C LYS A 3 -2.52 9.88 -11.55
N ARG A 4 -3.62 10.21 -10.87
CA ARG A 4 -3.62 11.27 -9.86
C ARG A 4 -3.83 10.63 -8.49
N ALA A 5 -2.90 10.88 -7.56
CA ALA A 5 -2.94 10.34 -6.21
C ALA A 5 -3.15 11.45 -5.20
N ILE A 6 -3.91 11.17 -4.14
CA ILE A 6 -4.13 12.15 -3.07
C ILE A 6 -3.47 11.60 -1.78
N TYR A 7 -2.77 12.48 -1.06
CA TYR A 7 -2.14 12.12 0.19
C TYR A 7 -2.69 13.05 1.29
N PRO A 8 -3.78 12.63 1.95
CA PRO A 8 -4.44 13.49 2.92
C PRO A 8 -4.02 13.28 4.37
N GLY A 9 -4.20 14.31 5.17
CA GLY A 9 -3.89 14.25 6.60
C GLY A 9 -3.92 15.64 7.19
N THR A 10 -3.69 15.75 8.51
CA THR A 10 -3.67 17.07 9.17
C THR A 10 -2.32 17.75 9.00
N PHE A 11 -1.21 16.98 8.83
CA PHE A 11 0.15 17.50 8.64
C PHE A 11 0.40 18.70 9.54
N ASP A 12 0.28 18.48 10.86
CA ASP A 12 0.36 19.54 11.86
C ASP A 12 1.54 19.41 12.82
N PRO A 13 2.78 19.68 12.39
CA PRO A 13 3.21 20.12 11.05
C PRO A 13 3.69 18.91 10.23
N ILE A 14 3.93 19.11 8.94
CA ILE A 14 4.48 18.09 8.04
C ILE A 14 5.87 17.69 8.58
N THR A 15 6.16 16.36 8.66
CA THR A 15 7.46 15.87 9.17
C THR A 15 8.26 15.27 8.04
N ASN A 16 9.51 14.84 8.35
CA ASN A 16 10.34 14.11 7.40
C ASN A 16 9.72 12.77 7.03
N GLY A 17 8.89 12.20 7.91
CA GLY A 17 8.16 10.96 7.62
C GLY A 17 7.16 11.19 6.49
N HIS A 18 6.44 12.31 6.56
CA HIS A 18 5.50 12.70 5.52
C HIS A 18 6.23 13.02 4.22
N ILE A 19 7.41 13.67 4.29
CA ILE A 19 8.19 14.03 3.09
C ILE A 19 8.62 12.74 2.40
N ASP A 20 9.06 11.76 3.22
CA ASP A 20 9.46 10.45 2.72
C ASP A 20 8.31 9.80 1.93
N ILE A 21 7.10 9.73 2.52
N ILE A 21 7.10 9.72 2.52
CA ILE A 21 5.94 9.10 1.87
CA ILE A 21 5.94 9.09 1.88
C ILE A 21 5.53 9.81 0.57
C ILE A 21 5.52 9.80 0.59
N VAL A 22 5.44 11.16 0.62
CA VAL A 22 5.05 11.95 -0.55
C VAL A 22 6.12 11.82 -1.64
N THR A 23 7.44 11.71 -1.27
CA THR A 23 8.50 11.51 -2.27
C THR A 23 8.33 10.17 -2.97
N ARG A 24 8.07 9.09 -2.19
CA ARG A 24 7.81 7.76 -2.77
C ARG A 24 6.58 7.82 -3.72
N ALA A 25 5.52 8.53 -3.31
CA ALA A 25 4.30 8.65 -4.13
C ALA A 25 4.60 9.36 -5.47
N THR A 26 5.44 10.44 -5.45
CA THR A 26 5.77 11.18 -6.69
C THR A 26 6.60 10.34 -7.67
N GLN A 27 7.29 9.30 -7.18
CA GLN A 27 8.10 8.43 -8.04
C GLN A 27 7.24 7.38 -8.71
N MET A 28 6.02 7.19 -8.20
N MET A 28 6.02 7.17 -8.19
CA MET A 28 5.11 6.16 -8.67
CA MET A 28 5.10 6.16 -8.68
C MET A 28 3.98 6.71 -9.51
C MET A 28 3.96 6.70 -9.50
N PHE A 29 3.47 7.90 -9.16
CA PHE A 29 2.32 8.52 -9.83
C PHE A 29 2.67 9.84 -10.48
N ASP A 30 1.97 10.17 -11.58
N ASP A 30 1.98 10.15 -11.58
CA ASP A 30 2.20 11.39 -12.35
CA ASP A 30 2.19 11.37 -12.37
C ASP A 30 1.94 12.67 -11.57
C ASP A 30 1.93 12.67 -11.60
N HIS A 31 0.88 12.70 -10.75
CA HIS A 31 0.53 13.88 -9.99
C HIS A 31 0.07 13.50 -8.60
N VAL A 32 0.63 14.18 -7.58
CA VAL A 32 0.29 13.91 -6.20
C VAL A 32 -0.28 15.17 -5.57
N ILE A 33 -1.48 15.07 -5.01
CA ILE A 33 -2.13 16.17 -4.30
C ILE A 33 -1.86 15.93 -2.83
N LEU A 34 -1.07 16.80 -2.18
CA LEU A 34 -0.86 16.65 -0.73
C LEU A 34 -2.00 17.49 -0.13
N ALA A 35 -2.97 16.82 0.51
CA ALA A 35 -4.20 17.45 0.97
C ALA A 35 -4.23 17.62 2.47
N ILE A 36 -4.29 18.88 2.91
CA ILE A 36 -4.23 19.21 4.33
C ILE A 36 -5.61 19.48 4.90
N ALA A 37 -6.04 18.66 5.86
CA ALA A 37 -7.35 18.80 6.47
C ALA A 37 -7.32 19.90 7.52
N ALA A 38 -8.27 20.84 7.44
CA ALA A 38 -8.32 21.97 8.38
C ALA A 38 -8.47 21.49 9.83
N SER A 39 -9.49 20.64 10.08
CA SER A 39 -9.82 20.03 11.37
C SER A 39 -9.68 20.99 12.59
N PRO A 40 -10.40 22.16 12.63
CA PRO A 40 -10.25 23.09 13.77
C PRO A 40 -10.70 22.52 15.13
N SER A 41 -11.59 21.50 15.11
CA SER A 41 -12.12 20.83 16.32
C SER A 41 -11.01 20.12 17.11
N LYS A 42 -9.94 19.67 16.42
CA LYS A 42 -8.79 19.01 17.02
C LYS A 42 -7.76 20.02 17.58
N LYS A 43 -8.05 21.34 17.45
CA LYS A 43 -7.22 22.48 17.91
C LYS A 43 -5.77 22.33 17.39
N PRO A 44 -5.55 22.46 16.06
CA PRO A 44 -4.18 22.27 15.54
C PRO A 44 -3.21 23.34 16.01
N MET A 45 -1.92 23.01 16.08
CA MET A 45 -0.88 23.95 16.48
C MET A 45 -0.75 25.07 15.45
N PHE A 46 -0.80 24.69 14.17
CA PHE A 46 -0.68 25.62 13.05
C PHE A 46 -2.02 25.76 12.36
N THR A 47 -2.30 26.98 11.86
CA THR A 47 -3.52 27.20 11.10
C THR A 47 -3.42 26.41 9.78
N LEU A 48 -4.57 26.22 9.14
CA LEU A 48 -4.59 25.53 7.85
C LEU A 48 -3.67 26.27 6.86
N GLU A 49 -3.77 27.62 6.80
CA GLU A 49 -2.94 28.43 5.90
C GLU A 49 -1.45 28.24 6.17
N GLU A 50 -1.06 28.20 7.45
CA GLU A 50 0.33 27.96 7.86
C GLU A 50 0.77 26.58 7.41
N ARG A 51 -0.07 25.53 7.60
CA ARG A 51 0.29 24.16 7.23
C ARG A 51 0.50 24.00 5.74
N VAL A 52 -0.37 24.65 4.93
CA VAL A 52 -0.30 24.66 3.48
C VAL A 52 1.02 25.33 3.05
N ALA A 53 1.34 26.52 3.61
CA ALA A 53 2.58 27.23 3.25
C ALA A 53 3.84 26.40 3.63
N LEU A 54 3.84 25.78 4.82
CA LEU A 54 4.98 24.95 5.26
C LEU A 54 5.19 23.75 4.34
N ALA A 55 4.09 23.08 3.98
CA ALA A 55 4.14 21.91 3.11
C ALA A 55 4.54 22.31 1.69
N GLN A 56 4.06 23.46 1.19
CA GLN A 56 4.46 23.90 -0.14
C GLN A 56 5.97 24.12 -0.19
N GLN A 57 6.53 24.81 0.83
CA GLN A 57 7.97 25.07 0.89
C GLN A 57 8.76 23.77 1.04
N ALA A 58 8.26 22.82 1.86
CA ALA A 58 8.95 21.55 2.12
C ALA A 58 8.91 20.57 0.95
N THR A 59 7.98 20.77 -0.01
CA THR A 59 7.86 19.89 -1.17
C THR A 59 8.17 20.62 -2.49
N ALA A 60 8.64 21.88 -2.42
CA ALA A 60 8.96 22.71 -3.60
C ALA A 60 9.93 22.05 -4.57
N HIS A 61 10.82 21.16 -4.06
CA HIS A 61 11.82 20.45 -4.86
C HIS A 61 11.22 19.30 -5.70
N LEU A 62 9.97 18.89 -5.40
CA LEU A 62 9.25 17.83 -6.13
C LEU A 62 8.27 18.52 -7.10
N GLY A 63 8.55 18.38 -8.38
CA GLY A 63 7.79 19.03 -9.45
C GLY A 63 6.35 18.58 -9.68
N ASN A 64 5.96 17.40 -9.16
CA ASN A 64 4.62 16.90 -9.43
C ASN A 64 3.73 16.83 -8.17
N VAL A 65 4.01 17.69 -7.19
CA VAL A 65 3.22 17.79 -5.96
C VAL A 65 2.41 19.09 -6.00
N GLU A 66 1.17 19.02 -5.58
CA GLU A 66 0.27 20.19 -5.49
C GLU A 66 -0.25 20.18 -4.05
N VAL A 67 -0.03 21.26 -3.29
CA VAL A 67 -0.49 21.29 -1.89
C VAL A 67 -1.81 22.05 -1.83
N VAL A 68 -2.81 21.49 -1.19
N VAL A 68 -2.88 21.43 -1.29
CA VAL A 68 -4.11 22.17 -1.09
CA VAL A 68 -4.22 22.04 -1.21
C VAL A 68 -4.68 21.89 0.29
C VAL A 68 -4.85 21.76 0.17
N GLY A 69 -5.62 22.72 0.71
CA GLY A 69 -6.31 22.54 1.98
C GLY A 69 -7.72 22.05 1.73
N PHE A 70 -8.33 21.36 2.72
CA PHE A 70 -9.73 20.95 2.58
C PHE A 70 -10.40 20.84 3.94
N SER A 71 -11.73 20.99 3.98
CA SER A 71 -12.53 20.86 5.19
C SER A 71 -13.67 19.87 4.91
N ASP A 72 -13.73 19.34 3.69
CA ASP A 72 -14.77 18.42 3.23
C ASP A 72 -14.55 17.01 3.79
N LEU A 73 -15.50 16.10 3.46
CA LEU A 73 -15.29 14.68 3.69
C LEU A 73 -14.10 14.37 2.77
N MET A 74 -13.07 13.66 3.28
CA MET A 74 -11.87 13.42 2.48
C MET A 74 -12.18 12.77 1.11
N ALA A 75 -13.01 11.69 1.10
CA ALA A 75 -13.39 10.99 -0.13
C ALA A 75 -14.05 11.92 -1.17
N ASN A 76 -14.90 12.88 -0.73
CA ASN A 76 -15.52 13.84 -1.67
C ASN A 76 -14.46 14.76 -2.25
N PHE A 77 -13.52 15.20 -1.41
CA PHE A 77 -12.43 16.06 -1.89
C PHE A 77 -11.55 15.28 -2.90
N ALA A 78 -11.28 13.99 -2.63
CA ALA A 78 -10.50 13.14 -3.55
C ALA A 78 -11.22 12.98 -4.90
N ARG A 79 -12.54 12.72 -4.89
CA ARG A 79 -13.31 12.64 -6.14
C ARG A 79 -13.21 13.97 -6.90
N ASN A 80 -13.34 15.08 -6.17
CA ASN A 80 -13.31 16.44 -6.77
C ASN A 80 -11.93 16.83 -7.27
N GLN A 81 -10.87 16.13 -6.79
CA GLN A 81 -9.50 16.35 -7.26
C GLN A 81 -9.17 15.36 -8.40
N HIS A 82 -10.16 14.52 -8.79
CA HIS A 82 -10.03 13.47 -9.83
C HIS A 82 -8.94 12.44 -9.46
N ALA A 83 -8.76 12.18 -8.17
CA ALA A 83 -7.77 11.22 -7.69
C ALA A 83 -8.37 9.82 -7.77
N THR A 84 -7.56 8.80 -8.09
CA THR A 84 -8.02 7.39 -8.12
C THR A 84 -7.13 6.57 -7.20
N VAL A 85 -6.14 7.22 -6.59
CA VAL A 85 -5.16 6.60 -5.69
C VAL A 85 -5.15 7.39 -4.40
N LEU A 86 -5.26 6.69 -3.28
CA LEU A 86 -5.23 7.30 -1.96
C LEU A 86 -3.99 6.79 -1.21
N ILE A 87 -3.03 7.70 -1.01
CA ILE A 87 -1.77 7.34 -0.35
C ILE A 87 -1.96 7.37 1.16
N ARG A 88 -1.49 6.32 1.84
CA ARG A 88 -1.41 6.16 3.28
C ARG A 88 0.01 5.73 3.60
N GLY A 89 0.49 6.13 4.76
CA GLY A 89 1.80 5.72 5.28
C GLY A 89 1.61 4.67 6.33
N LEU A 90 2.42 3.60 6.30
CA LEU A 90 2.29 2.51 7.27
C LEU A 90 3.43 2.46 8.23
N ARG A 91 3.21 2.84 9.50
CA ARG A 91 4.22 2.78 10.55
C ARG A 91 3.91 1.70 11.62
N ALA A 92 2.92 1.92 12.52
CA ALA A 92 2.62 0.95 13.61
C ALA A 92 1.28 0.21 13.47
N VAL A 93 1.10 -0.93 14.21
CA VAL A 93 -0.11 -1.78 14.24
C VAL A 93 -1.35 -0.95 14.61
N ALA A 94 -1.23 -0.08 15.64
CA ALA A 94 -2.34 0.79 16.10
C ALA A 94 -2.81 1.68 14.97
N ASP A 95 -1.86 2.23 14.18
CA ASP A 95 -2.19 3.05 13.02
C ASP A 95 -2.78 2.17 11.93
N PHE A 96 -2.17 0.99 11.68
CA PHE A 96 -2.61 0.03 10.68
C PHE A 96 -4.09 -0.40 10.90
N GLU A 97 -4.47 -0.74 12.15
CA GLU A 97 -5.84 -1.14 12.45
C GLU A 97 -6.86 -0.04 12.17
N TYR A 98 -6.52 1.20 12.54
CA TYR A 98 -7.36 2.35 12.29
C TYR A 98 -7.41 2.65 10.79
N GLU A 99 -6.27 2.53 10.09
CA GLU A 99 -6.18 2.73 8.63
C GLU A 99 -7.03 1.70 7.88
N MET A 100 -7.12 0.46 8.39
N MET A 100 -7.11 0.45 8.39
CA MET A 100 -7.95 -0.58 7.78
CA MET A 100 -7.93 -0.60 7.79
C MET A 100 -9.42 -0.22 7.83
C MET A 100 -9.40 -0.20 7.83
N GLN A 101 -9.88 0.34 8.98
CA GLN A 101 -11.26 0.80 9.17
C GLN A 101 -11.56 1.96 8.23
N LEU A 102 -10.65 2.96 8.17
CA LEU A 102 -10.81 4.09 7.27
C LEU A 102 -10.81 3.66 5.81
N ALA A 103 -9.93 2.71 5.43
CA ALA A 103 -9.90 2.26 4.03
C ALA A 103 -11.21 1.54 3.64
N HIS A 104 -11.83 0.76 4.56
CA HIS A 104 -13.09 0.10 4.21
C HIS A 104 -14.20 1.13 4.12
N MET A 105 -14.14 2.14 4.99
CA MET A 105 -15.13 3.22 4.96
C MET A 105 -14.96 4.06 3.68
N ASN A 106 -13.73 4.43 3.33
CA ASN A 106 -13.45 5.18 2.10
C ASN A 106 -13.85 4.42 0.85
N ARG A 107 -13.74 3.08 0.86
CA ARG A 107 -14.14 2.24 -0.27
C ARG A 107 -15.66 2.24 -0.41
N HIS A 108 -16.41 2.33 0.72
CA HIS A 108 -17.87 2.43 0.65
C HIS A 108 -18.28 3.81 0.11
N LEU A 109 -17.53 4.86 0.47
CA LEU A 109 -17.78 6.24 0.03
C LEU A 109 -17.36 6.49 -1.42
N MET A 110 -16.25 5.87 -1.86
CA MET A 110 -15.72 6.09 -3.23
C MET A 110 -14.96 4.83 -3.65
N PRO A 111 -15.67 3.81 -4.20
CA PRO A 111 -14.99 2.53 -4.53
C PRO A 111 -13.84 2.61 -5.51
N GLU A 112 -13.84 3.60 -6.39
CA GLU A 112 -12.75 3.74 -7.39
C GLU A 112 -11.51 4.43 -6.82
N LEU A 113 -11.56 4.88 -5.56
CA LEU A 113 -10.39 5.49 -4.93
C LEU A 113 -9.61 4.37 -4.24
N GLU A 114 -8.51 3.92 -4.85
CA GLU A 114 -7.77 2.79 -4.32
C GLU A 114 -6.78 3.20 -3.25
N SER A 115 -6.96 2.67 -2.02
CA SER A 115 -6.05 2.94 -0.90
C SER A 115 -4.76 2.16 -1.12
N VAL A 116 -3.63 2.90 -1.08
N VAL A 116 -3.64 2.88 -1.08
CA VAL A 116 -2.27 2.39 -1.29
CA VAL A 116 -2.32 2.28 -1.24
C VAL A 116 -1.46 2.74 -0.05
C VAL A 116 -1.50 2.70 -0.03
N PHE A 117 -0.84 1.74 0.59
CA PHE A 117 -0.03 1.98 1.76
C PHE A 117 1.41 1.90 1.33
N LEU A 118 2.18 2.95 1.67
CA LEU A 118 3.61 3.03 1.40
C LEU A 118 4.30 2.98 2.75
N MET A 119 5.52 2.46 2.77
CA MET A 119 6.24 2.28 4.03
C MET A 119 7.39 3.26 4.12
N PRO A 120 7.48 4.09 5.16
CA PRO A 120 8.58 5.06 5.21
C PRO A 120 9.90 4.39 5.54
N SER A 121 10.99 5.15 5.41
CA SER A 121 12.32 4.70 5.80
C SER A 121 12.24 4.31 7.28
N LYS A 122 13.08 3.36 7.71
CA LYS A 122 13.22 2.96 9.13
C LYS A 122 13.50 4.23 9.97
N GLU A 123 14.19 5.21 9.36
CA GLU A 123 14.57 6.45 10.04
C GLU A 123 13.36 7.21 10.65
N TRP A 124 12.19 7.14 9.98
CA TRP A 124 10.97 7.86 10.35
C TRP A 124 9.84 6.93 10.78
N SER A 125 10.13 5.64 10.99
CA SER A 125 9.12 4.62 11.33
C SER A 125 8.57 4.70 12.74
N PHE A 126 9.14 5.60 13.57
CA PHE A 126 8.71 5.71 14.96
C PHE A 126 8.31 7.14 15.31
N ILE A 127 8.18 8.02 14.30
CA ILE A 127 7.83 9.41 14.57
C ILE A 127 6.39 9.73 14.14
N SER A 128 5.84 10.79 14.72
CA SER A 128 4.53 11.33 14.38
C SER A 128 4.60 12.83 14.58
N SER A 129 3.68 13.59 13.96
CA SER A 129 3.58 15.04 14.23
C SER A 129 3.33 15.29 15.73
N SER A 130 2.46 14.48 16.38
N SER A 130 2.45 14.49 16.38
N SER A 130 2.45 14.49 16.38
CA SER A 130 2.13 14.61 17.79
CA SER A 130 2.13 14.63 17.80
CA SER A 130 2.11 14.61 17.80
C SER A 130 3.35 14.41 18.69
C SER A 130 3.34 14.40 18.71
C SER A 130 3.33 14.39 18.71
N LEU A 131 4.14 13.34 18.44
CA LEU A 131 5.35 13.04 19.23
C LEU A 131 6.38 14.14 19.08
N VAL A 132 6.57 14.65 17.86
CA VAL A 132 7.54 15.73 17.62
C VAL A 132 7.11 17.00 18.40
N LYS A 133 5.82 17.38 18.33
CA LYS A 133 5.31 18.54 19.07
C LYS A 133 5.49 18.37 20.57
N GLU A 134 5.25 17.15 21.11
CA GLU A 134 5.40 16.88 22.55
C GLU A 134 6.83 17.08 22.99
N VAL A 135 7.78 16.54 22.23
CA VAL A 135 9.21 16.70 22.53
C VAL A 135 9.59 18.17 22.43
N ALA A 136 9.19 18.83 21.34
CA ALA A 136 9.51 20.25 21.15
C ALA A 136 8.95 21.16 22.22
N ARG A 137 7.72 20.88 22.70
CA ARG A 137 7.16 21.78 23.72
C ARG A 137 7.87 21.61 25.07
N HIS A 138 8.65 20.53 25.22
CA HIS A 138 9.47 20.30 26.41
C HIS A 138 10.95 20.69 26.13
N GLN A 139 11.17 21.38 24.99
CA GLN A 139 12.45 21.95 24.53
C GLN A 139 13.47 20.89 24.02
N GLY A 140 13.02 19.67 23.78
CA GLY A 140 13.87 18.63 23.19
C GLY A 140 14.20 18.96 21.74
N ASP A 141 15.38 18.53 21.26
CA ASP A 141 15.85 18.82 19.90
C ASP A 141 15.16 17.94 18.85
N VAL A 142 14.34 18.56 18.01
CA VAL A 142 13.61 17.85 16.95
C VAL A 142 14.08 18.25 15.52
N THR A 143 15.27 18.88 15.39
CA THR A 143 15.78 19.29 14.08
C THR A 143 15.87 18.14 13.10
N HIS A 144 16.25 16.93 13.59
CA HIS A 144 16.43 15.78 12.72
C HIS A 144 15.14 15.32 12.04
N PHE A 145 13.99 15.61 12.64
CA PHE A 145 12.71 15.06 12.20
C PHE A 145 11.86 15.92 11.30
N LEU A 146 12.28 17.16 11.07
CA LEU A 146 11.46 18.09 10.30
C LEU A 146 12.24 18.79 9.22
N PRO A 147 11.57 19.17 8.11
CA PRO A 147 12.24 20.05 7.12
C PRO A 147 12.65 21.35 7.82
N GLU A 148 13.74 21.98 7.36
CA GLU A 148 14.28 23.19 8.00
C GLU A 148 13.21 24.26 8.22
N ASN A 149 12.43 24.61 7.16
CA ASN A 149 11.39 25.64 7.24
C ASN A 149 10.38 25.33 8.36
N VAL A 150 10.00 24.04 8.50
CA VAL A 150 9.04 23.54 9.50
C VAL A 150 9.63 23.65 10.90
N HIS A 151 10.90 23.24 11.06
CA HIS A 151 11.57 23.28 12.36
C HIS A 151 11.58 24.71 12.88
N GLN A 152 12.00 25.68 12.03
CA GLN A 152 12.04 27.08 12.46
C GLN A 152 10.64 27.63 12.80
N ALA A 153 9.59 27.20 12.05
CA ALA A 153 8.21 27.61 12.30
C ALA A 153 7.70 27.03 13.62
N LEU A 154 8.05 25.77 13.92
CA LEU A 154 7.65 25.12 15.16
C LEU A 154 8.29 25.80 16.37
N MET A 155 9.59 26.15 16.26
CA MET A 155 10.29 26.84 17.35
C MET A 155 9.63 28.18 17.60
N ALA A 156 9.29 28.90 16.52
CA ALA A 156 8.65 30.22 16.60
C ALA A 156 7.28 30.13 17.26
N LYS A 157 6.48 29.09 16.89
CA LYS A 157 5.14 28.88 17.41
C LYS A 157 5.17 28.64 18.92
N LEU A 158 6.14 27.83 19.39
CA LEU A 158 6.31 27.51 20.82
C LEU A 158 6.95 28.62 21.64
N ALA A 159 7.63 29.58 20.98
CA ALA A 159 8.28 30.71 21.65
C ALA A 159 7.25 31.78 22.07
N VAL A 160 5.97 31.60 21.66
CA VAL A 160 4.78 32.45 21.88
C VAL A 160 4.80 33.66 20.96
N MET B 1 3.47 7.30 -17.34
CA MET B 1 3.99 6.40 -16.29
C MET B 1 4.77 5.22 -16.84
N GLN B 2 4.09 4.29 -17.54
CA GLN B 2 4.58 3.01 -18.08
C GLN B 2 5.18 2.18 -16.91
N LYS B 3 4.46 2.16 -15.77
CA LYS B 3 4.91 1.44 -14.57
C LYS B 3 4.76 -0.06 -14.71
N ARG B 4 5.80 -0.80 -14.33
CA ARG B 4 5.78 -2.27 -14.33
C ARG B 4 5.74 -2.70 -12.87
N ALA B 5 4.70 -3.43 -12.51
CA ALA B 5 4.52 -3.89 -11.16
C ALA B 5 4.64 -5.40 -11.10
N ILE B 6 5.13 -5.91 -9.97
CA ILE B 6 5.25 -7.34 -9.74
C ILE B 6 4.42 -7.72 -8.50
N TYR B 7 3.66 -8.82 -8.59
CA TYR B 7 2.84 -9.33 -7.49
C TYR B 7 3.28 -10.78 -7.25
N PRO B 8 4.25 -10.97 -6.35
CA PRO B 8 4.81 -12.31 -6.16
C PRO B 8 4.21 -13.13 -5.03
N GLY B 9 4.37 -14.44 -5.15
CA GLY B 9 3.92 -15.36 -4.11
C GLY B 9 3.95 -16.80 -4.58
N THR B 10 3.52 -17.72 -3.72
CA THR B 10 3.43 -19.13 -4.11
C THR B 10 2.11 -19.39 -4.83
N PHE B 11 1.02 -18.67 -4.46
CA PHE B 11 -0.34 -18.83 -5.04
C PHE B 11 -0.69 -20.32 -5.14
N ASP B 12 -0.70 -20.99 -3.98
CA ASP B 12 -0.91 -22.44 -3.90
C ASP B 12 -2.19 -22.83 -3.14
N PRO B 13 -3.38 -22.73 -3.76
CA PRO B 13 -3.66 -22.21 -5.10
C PRO B 13 -4.03 -20.73 -5.08
N ILE B 14 -4.16 -20.12 -6.26
CA ILE B 14 -4.63 -18.74 -6.36
C ILE B 14 -6.10 -18.68 -5.86
N THR B 15 -6.39 -17.72 -4.99
CA THR B 15 -7.74 -17.57 -4.43
C THR B 15 -8.43 -16.31 -4.97
N ASN B 16 -9.69 -16.10 -4.58
CA ASN B 16 -10.43 -14.89 -4.90
C ASN B 16 -9.80 -13.67 -4.22
N GLY B 17 -9.07 -13.88 -3.11
CA GLY B 17 -8.34 -12.78 -2.48
C GLY B 17 -7.20 -12.30 -3.37
N HIS B 18 -6.45 -13.25 -3.98
CA HIS B 18 -5.36 -12.89 -4.91
C HIS B 18 -5.94 -12.24 -6.18
N ILE B 19 -7.08 -12.73 -6.68
CA ILE B 19 -7.71 -12.14 -7.89
C ILE B 19 -8.13 -10.70 -7.58
N ASP B 20 -8.70 -10.48 -6.40
CA ASP B 20 -9.10 -9.15 -5.94
C ASP B 20 -7.87 -8.21 -5.95
N ILE B 21 -6.75 -8.63 -5.34
CA ILE B 21 -5.53 -7.79 -5.26
C ILE B 21 -4.94 -7.53 -6.63
N VAL B 22 -4.80 -8.58 -7.46
CA VAL B 22 -4.22 -8.38 -8.81
C VAL B 22 -5.13 -7.48 -9.68
N THR B 23 -6.46 -7.56 -9.50
CA THR B 23 -7.38 -6.70 -10.24
C THR B 23 -7.17 -5.23 -9.86
N ARG B 24 -7.04 -4.95 -8.56
CA ARG B 24 -6.82 -3.57 -8.09
C ARG B 24 -5.50 -3.06 -8.65
N ALA B 25 -4.47 -3.93 -8.70
CA ALA B 25 -3.16 -3.55 -9.23
C ALA B 25 -3.23 -3.17 -10.72
N THR B 26 -4.02 -3.92 -11.50
CA THR B 26 -4.18 -3.63 -12.95
C THR B 26 -4.91 -2.32 -13.22
N GLN B 27 -5.70 -1.87 -12.24
CA GLN B 27 -6.41 -0.60 -12.37
C GLN B 27 -5.47 0.58 -12.10
N MET B 28 -4.28 0.34 -11.48
CA MET B 28 -3.44 1.50 -11.26
C MET B 28 -2.09 1.45 -11.96
N PHE B 29 -1.66 0.29 -12.47
CA PHE B 29 -0.36 0.19 -13.15
C PHE B 29 -0.55 -0.37 -14.54
N ASP B 30 0.30 0.09 -15.48
CA ASP B 30 0.21 -0.32 -16.88
C ASP B 30 0.44 -1.80 -17.11
N HIS B 31 1.36 -2.41 -16.34
CA HIS B 31 1.66 -3.82 -16.54
C HIS B 31 1.90 -4.48 -15.21
N VAL B 32 1.23 -5.62 -14.99
CA VAL B 32 1.34 -6.36 -13.74
C VAL B 32 1.85 -7.77 -14.01
N ILE B 33 2.97 -8.12 -13.37
CA ILE B 33 3.55 -9.44 -13.49
C ILE B 33 3.08 -10.23 -12.27
N LEU B 34 2.26 -11.26 -12.49
N LEU B 34 2.30 -11.28 -12.51
CA LEU B 34 1.83 -12.10 -11.38
CA LEU B 34 1.82 -12.17 -11.46
C LEU B 34 2.88 -13.22 -11.37
C LEU B 34 2.89 -13.26 -11.39
N ALA B 35 3.83 -13.11 -10.43
CA ALA B 35 5.02 -13.94 -10.27
C ALA B 35 4.84 -15.10 -9.33
N ILE B 36 4.92 -16.33 -9.86
N ILE B 36 4.93 -16.32 -9.87
CA ILE B 36 4.70 -17.54 -9.08
CA ILE B 36 4.70 -17.58 -9.16
C ILE B 36 6.01 -18.20 -8.74
C ILE B 36 6.03 -18.22 -8.75
N ALA B 37 6.28 -18.31 -7.43
CA ALA B 37 7.51 -18.91 -6.92
C ALA B 37 7.53 -20.43 -7.16
N ALA B 38 8.62 -20.92 -7.76
CA ALA B 38 8.84 -22.32 -8.09
C ALA B 38 8.92 -23.16 -6.83
N SER B 39 9.41 -22.55 -5.72
CA SER B 39 9.53 -23.15 -4.38
C SER B 39 8.21 -23.70 -3.84
N PRO B 40 8.26 -24.79 -3.06
CA PRO B 40 7.03 -25.31 -2.46
C PRO B 40 6.50 -24.37 -1.38
N SER B 41 5.15 -24.30 -1.21
CA SER B 41 4.54 -23.52 -0.14
C SER B 41 4.59 -24.41 1.13
N LYS B 42 4.01 -23.96 2.28
CA LYS B 42 3.98 -24.78 3.51
C LYS B 42 3.39 -26.18 3.27
N LYS B 43 2.46 -26.31 2.27
CA LYS B 43 1.87 -27.60 1.85
C LYS B 43 2.93 -28.47 1.08
N PRO B 44 3.23 -28.44 -0.25
CA PRO B 44 2.74 -27.63 -1.40
C PRO B 44 1.85 -28.42 -2.38
N MET B 45 0.52 -28.25 -2.25
CA MET B 45 -0.52 -28.97 -2.98
C MET B 45 -0.38 -29.03 -4.51
N PHE B 46 -0.27 -27.88 -5.18
CA PHE B 46 -0.16 -27.84 -6.64
C PHE B 46 1.26 -27.62 -7.09
N THR B 47 1.66 -28.30 -8.17
CA THR B 47 3.00 -28.14 -8.75
C THR B 47 3.09 -26.75 -9.40
N LEU B 48 4.30 -26.27 -9.68
CA LEU B 48 4.46 -24.98 -10.34
C LEU B 48 3.65 -24.90 -11.67
N GLU B 49 3.75 -25.94 -12.53
CA GLU B 49 3.01 -25.97 -13.81
C GLU B 49 1.49 -25.83 -13.60
N GLU B 50 0.96 -26.48 -12.54
CA GLU B 50 -0.46 -26.41 -12.20
C GLU B 50 -0.79 -25.01 -11.69
N ARG B 51 0.05 -24.45 -10.80
CA ARG B 51 -0.16 -23.10 -10.25
C ARG B 51 -0.17 -22.02 -11.35
N VAL B 52 0.75 -22.10 -12.31
CA VAL B 52 0.83 -21.17 -13.45
C VAL B 52 -0.41 -21.27 -14.33
N ALA B 53 -0.79 -22.51 -14.73
CA ALA B 53 -1.96 -22.72 -15.60
C ALA B 53 -3.22 -22.21 -14.91
N LEU B 54 -3.36 -22.46 -13.59
CA LEU B 54 -4.54 -22.00 -12.85
C LEU B 54 -4.61 -20.47 -12.80
N ALA B 55 -3.47 -19.82 -12.48
CA ALA B 55 -3.40 -18.35 -12.41
C ALA B 55 -3.64 -17.71 -13.77
N GLN B 56 -3.13 -18.32 -14.85
CA GLN B 56 -3.32 -17.81 -16.22
C GLN B 56 -4.80 -17.81 -16.58
N GLN B 57 -5.47 -18.95 -16.38
CA GLN B 57 -6.89 -19.06 -16.67
C GLN B 57 -7.74 -18.11 -15.81
N ALA B 58 -7.38 -17.95 -14.54
CA ALA B 58 -8.14 -17.11 -13.59
C ALA B 58 -7.92 -15.59 -13.78
N THR B 59 -6.87 -15.20 -14.53
CA THR B 59 -6.57 -13.78 -14.80
C THR B 59 -6.66 -13.45 -16.32
N ALA B 60 -7.10 -14.42 -17.13
CA ALA B 60 -7.20 -14.31 -18.59
C ALA B 60 -7.99 -13.09 -19.05
N HIS B 61 -9.01 -12.69 -18.25
CA HIS B 61 -9.89 -11.53 -18.54
C HIS B 61 -9.20 -10.18 -18.29
N LEU B 62 -8.02 -10.18 -17.63
CA LEU B 62 -7.26 -8.97 -17.34
C LEU B 62 -6.15 -8.86 -18.38
N GLY B 63 -6.31 -7.89 -19.28
CA GLY B 63 -5.42 -7.69 -20.41
C GLY B 63 -3.99 -7.32 -20.10
N ASN B 64 -3.75 -6.70 -18.93
CA ASN B 64 -2.38 -6.24 -18.60
C ASN B 64 -1.70 -7.08 -17.51
N VAL B 65 -2.15 -8.33 -17.33
CA VAL B 65 -1.51 -9.28 -16.40
C VAL B 65 -0.66 -10.25 -17.22
N GLU B 66 0.55 -10.52 -16.74
CA GLU B 66 1.48 -11.49 -17.31
C GLU B 66 1.77 -12.51 -16.19
N VAL B 67 1.41 -13.79 -16.37
CA VAL B 67 1.69 -14.81 -15.33
C VAL B 67 3.07 -15.45 -15.66
N VAL B 68 4.04 -15.42 -14.70
N VAL B 68 3.98 -15.50 -14.69
CA VAL B 68 5.42 -15.92 -14.93
CA VAL B 68 5.29 -16.11 -14.93
C VAL B 68 5.97 -16.67 -13.70
C VAL B 68 5.72 -16.87 -13.69
N GLY B 69 6.60 -17.84 -13.91
CA GLY B 69 7.24 -18.59 -12.84
C GLY B 69 8.62 -18.01 -12.56
N PHE B 70 9.11 -18.11 -11.32
CA PHE B 70 10.48 -17.67 -10.98
C PHE B 70 11.00 -18.55 -9.84
N SER B 71 12.32 -18.71 -9.75
CA SER B 71 12.91 -19.53 -8.68
C SER B 71 13.96 -18.78 -7.86
N ASP B 72 14.37 -17.62 -8.35
CA ASP B 72 15.38 -16.79 -7.68
C ASP B 72 14.79 -16.12 -6.45
N LEU B 73 15.65 -15.40 -5.74
CA LEU B 73 15.23 -14.46 -4.71
C LEU B 73 14.24 -13.55 -5.46
N MET B 74 13.09 -13.26 -4.84
CA MET B 74 12.08 -12.44 -5.50
C MET B 74 12.68 -11.11 -6.04
N ALA B 75 13.46 -10.39 -5.20
CA ALA B 75 14.04 -9.10 -5.61
C ALA B 75 14.94 -9.25 -6.83
N ASN B 76 15.70 -10.37 -6.95
CA ASN B 76 16.57 -10.60 -8.11
C ASN B 76 15.71 -10.71 -9.40
N PHE B 77 14.56 -11.40 -9.31
CA PHE B 77 13.64 -11.54 -10.43
C PHE B 77 12.96 -10.19 -10.75
N ALA B 78 12.49 -9.48 -9.72
CA ALA B 78 11.88 -8.14 -9.90
C ALA B 78 12.87 -7.22 -10.62
N ARG B 79 14.15 -7.25 -10.19
CA ARG B 79 15.20 -6.44 -10.82
C ARG B 79 15.34 -6.76 -12.30
N ASN B 80 15.46 -8.06 -12.63
CA ASN B 80 15.67 -8.46 -14.04
C ASN B 80 14.46 -8.20 -14.91
N GLN B 81 13.27 -8.12 -14.29
CA GLN B 81 12.01 -7.81 -14.97
C GLN B 81 11.77 -6.30 -15.10
N HIS B 82 12.68 -5.46 -14.55
CA HIS B 82 12.52 -3.99 -14.56
C HIS B 82 11.23 -3.56 -13.85
N ALA B 83 10.85 -4.28 -12.78
CA ALA B 83 9.68 -3.88 -11.99
C ALA B 83 10.14 -2.74 -11.05
N THR B 84 9.28 -1.71 -10.85
CA THR B 84 9.59 -0.63 -9.90
C THR B 84 8.53 -0.56 -8.81
N VAL B 85 7.53 -1.44 -8.89
CA VAL B 85 6.44 -1.51 -7.91
C VAL B 85 6.28 -2.96 -7.51
N LEU B 86 6.20 -3.19 -6.20
CA LEU B 86 6.06 -4.52 -5.64
C LEU B 86 4.72 -4.56 -4.92
N ILE B 87 3.75 -5.30 -5.46
CA ILE B 87 2.40 -5.40 -4.89
C ILE B 87 2.37 -6.40 -3.74
N ARG B 88 1.81 -5.98 -2.60
CA ARG B 88 1.56 -6.84 -1.44
C ARG B 88 0.11 -6.63 -1.07
N GLY B 89 -0.52 -7.65 -0.48
CA GLY B 89 -1.89 -7.56 0.01
C GLY B 89 -1.86 -7.50 1.53
N LEU B 90 -2.68 -6.66 2.17
CA LEU B 90 -2.70 -6.60 3.62
C LEU B 90 -4.07 -6.94 4.13
N ARG B 91 -4.18 -8.04 4.90
CA ARG B 91 -5.45 -8.49 5.45
C ARG B 91 -5.57 -8.22 6.93
N ALA B 92 -4.56 -8.60 7.72
CA ALA B 92 -4.58 -8.43 9.18
C ALA B 92 -3.21 -8.10 9.78
N VAL B 93 -3.14 -7.95 11.12
CA VAL B 93 -1.95 -7.58 11.88
C VAL B 93 -0.79 -8.57 11.69
N ALA B 94 -1.08 -9.89 11.72
CA ALA B 94 -0.08 -10.95 11.56
C ALA B 94 0.62 -10.82 10.22
N ASP B 95 -0.16 -10.51 9.17
CA ASP B 95 0.31 -10.24 7.81
C ASP B 95 1.24 -9.04 7.82
N PHE B 96 0.75 -7.92 8.38
CA PHE B 96 1.43 -6.62 8.51
C PHE B 96 2.86 -6.74 9.07
N GLU B 97 3.03 -7.35 10.26
CA GLU B 97 4.34 -7.52 10.91
C GLU B 97 5.37 -8.19 10.01
N TYR B 98 5.02 -9.36 9.45
CA TYR B 98 5.91 -10.09 8.57
C TYR B 98 6.18 -9.36 7.26
N GLU B 99 5.13 -8.73 6.68
CA GLU B 99 5.28 -7.95 5.45
C GLU B 99 6.18 -6.71 5.66
N MET B 100 6.15 -6.09 6.86
N MET B 100 6.14 -6.08 6.86
CA MET B 100 7.02 -4.95 7.17
CA MET B 100 7.01 -4.94 7.16
C MET B 100 8.48 -5.39 7.15
C MET B 100 8.48 -5.38 7.16
N GLN B 101 8.77 -6.57 7.74
CA GLN B 101 10.14 -7.13 7.77
C GLN B 101 10.59 -7.39 6.34
N LEU B 102 9.74 -8.07 5.54
CA LEU B 102 10.09 -8.34 4.14
C LEU B 102 10.28 -7.07 3.34
N ALA B 103 9.42 -6.05 3.54
CA ALA B 103 9.55 -4.79 2.79
C ALA B 103 10.86 -4.05 3.10
N HIS B 104 11.30 -4.04 4.37
CA HIS B 104 12.56 -3.41 4.69
C HIS B 104 13.74 -4.21 4.09
N MET B 105 13.59 -5.53 4.07
CA MET B 105 14.62 -6.38 3.46
C MET B 105 14.68 -6.19 1.93
N ASN B 106 13.52 -6.18 1.26
CA ASN B 106 13.44 -5.93 -0.18
C ASN B 106 13.98 -4.57 -0.57
N ARG B 107 13.79 -3.55 0.31
CA ARG B 107 14.28 -2.19 0.03
C ARG B 107 15.83 -2.19 0.13
N HIS B 108 16.38 -2.95 1.07
CA HIS B 108 17.83 -3.09 1.18
C HIS B 108 18.37 -3.81 -0.10
N LEU B 109 17.68 -4.88 -0.54
CA LEU B 109 18.14 -5.64 -1.71
C LEU B 109 17.97 -4.88 -3.02
N MET B 110 16.84 -4.18 -3.18
CA MET B 110 16.52 -3.47 -4.40
C MET B 110 15.77 -2.18 -4.04
N PRO B 111 16.50 -1.09 -3.72
CA PRO B 111 15.81 0.15 -3.31
C PRO B 111 14.93 0.79 -4.39
N GLU B 112 15.19 0.48 -5.68
CA GLU B 112 14.39 1.04 -6.79
C GLU B 112 13.03 0.30 -6.93
N LEU B 113 12.80 -0.72 -6.10
CA LEU B 113 11.53 -1.45 -6.10
C LEU B 113 10.69 -0.94 -4.92
N GLU B 114 9.58 -0.28 -5.22
CA GLU B 114 8.77 0.29 -4.13
C GLU B 114 7.65 -0.63 -3.72
N SER B 115 7.64 -1.04 -2.42
CA SER B 115 6.56 -1.88 -1.88
C SER B 115 5.28 -1.10 -1.76
N VAL B 116 4.19 -1.66 -2.28
CA VAL B 116 2.87 -1.02 -2.17
C VAL B 116 1.88 -2.04 -1.62
N PHE B 117 1.18 -1.65 -0.56
CA PHE B 117 0.26 -2.56 0.08
C PHE B 117 -1.16 -2.17 -0.32
N LEU B 118 -1.90 -3.14 -0.84
CA LEU B 118 -3.30 -3.00 -1.25
C LEU B 118 -4.14 -3.82 -0.28
N MET B 119 -5.38 -3.40 -0.06
N MET B 119 -5.39 -3.40 -0.08
CA MET B 119 -6.29 -4.07 0.85
CA MET B 119 -6.32 -4.06 0.83
C MET B 119 -7.38 -4.81 0.04
C MET B 119 -7.38 -4.82 0.03
N PRO B 120 -7.59 -6.11 0.27
CA PRO B 120 -8.64 -6.81 -0.48
C PRO B 120 -10.02 -6.45 0.08
N SER B 121 -11.06 -6.87 -0.61
CA SER B 121 -12.43 -6.71 -0.16
C SER B 121 -12.56 -7.42 1.20
N LYS B 122 -13.52 -6.94 2.04
CA LYS B 122 -13.84 -7.55 3.34
C LYS B 122 -14.14 -9.04 3.14
N GLU B 123 -14.70 -9.38 1.96
CA GLU B 123 -15.08 -10.73 1.58
C GLU B 123 -13.92 -11.74 1.68
N TRP B 124 -12.71 -11.30 1.35
CA TRP B 124 -11.49 -12.13 1.34
C TRP B 124 -10.46 -11.76 2.42
N SER B 125 -10.83 -10.87 3.35
N SER B 125 -10.84 -10.93 3.40
CA SER B 125 -9.94 -10.37 4.41
CA SER B 125 -9.91 -10.48 4.45
C SER B 125 -9.64 -11.37 5.53
C SER B 125 -9.39 -11.57 5.40
N PHE B 126 -10.21 -12.59 5.43
N PHE B 126 -10.15 -12.64 5.64
CA PHE B 126 -10.03 -13.61 6.46
CA PHE B 126 -9.71 -13.70 6.58
C PHE B 126 -9.64 -14.99 5.88
C PHE B 126 -9.11 -14.94 5.91
N ILE B 127 -9.20 -15.01 4.59
CA ILE B 127 -8.74 -16.23 3.90
C ILE B 127 -7.29 -16.17 3.48
N SER B 128 -6.72 -17.35 3.30
CA SER B 128 -5.36 -17.55 2.80
C SER B 128 -5.41 -18.86 2.03
N SER B 129 -4.43 -19.09 1.15
CA SER B 129 -4.29 -20.36 0.45
C SER B 129 -4.17 -21.51 1.50
N SER B 130 -3.38 -21.30 2.58
N SER B 130 -3.38 -21.30 2.58
CA SER B 130 -3.20 -22.32 3.63
CA SER B 130 -3.19 -22.30 3.64
C SER B 130 -4.52 -22.73 4.29
C SER B 130 -4.53 -22.73 4.26
N LEU B 131 -5.36 -21.75 4.67
CA LEU B 131 -6.65 -22.01 5.31
C LEU B 131 -7.59 -22.72 4.35
N VAL B 132 -7.61 -22.27 3.10
CA VAL B 132 -8.46 -22.90 2.08
C VAL B 132 -8.08 -24.38 1.93
N LYS B 133 -6.77 -24.68 1.83
CA LYS B 133 -6.29 -26.06 1.69
C LYS B 133 -6.64 -26.93 2.87
N GLU B 134 -6.46 -26.42 4.13
CA GLU B 134 -6.78 -27.17 5.36
C GLU B 134 -8.27 -27.53 5.39
N VAL B 135 -9.15 -26.56 5.09
CA VAL B 135 -10.60 -26.78 5.09
C VAL B 135 -10.98 -27.80 4.02
N ALA B 136 -10.50 -27.60 2.78
CA ALA B 136 -10.81 -28.51 1.66
C ALA B 136 -10.28 -29.95 1.91
N ARG B 137 -9.04 -30.09 2.44
CA ARG B 137 -8.46 -31.41 2.76
C ARG B 137 -9.27 -32.15 3.84
N HIS B 138 -9.93 -31.39 4.72
CA HIS B 138 -10.74 -31.96 5.78
C HIS B 138 -12.22 -32.04 5.43
N GLN B 139 -12.56 -31.95 4.12
CA GLN B 139 -13.92 -32.11 3.58
C GLN B 139 -14.86 -30.93 3.85
N GLY B 140 -14.30 -29.72 3.78
CA GLY B 140 -15.08 -28.49 3.94
C GLY B 140 -15.27 -27.79 2.61
N ASP B 141 -16.38 -27.04 2.48
CA ASP B 141 -16.71 -26.31 1.27
C ASP B 141 -15.93 -25.01 1.13
N VAL B 142 -15.11 -24.89 0.07
CA VAL B 142 -14.32 -23.66 -0.17
C VAL B 142 -14.67 -23.04 -1.53
N THR B 143 -15.77 -23.47 -2.16
CA THR B 143 -16.17 -22.99 -3.50
C THR B 143 -16.21 -21.48 -3.59
N HIS B 144 -16.78 -20.82 -2.58
CA HIS B 144 -16.92 -19.36 -2.58
C HIS B 144 -15.60 -18.60 -2.66
N PHE B 145 -14.50 -19.23 -2.20
CA PHE B 145 -13.21 -18.54 -2.09
C PHE B 145 -12.33 -18.67 -3.28
N LEU B 146 -12.75 -19.45 -4.28
CA LEU B 146 -11.88 -19.74 -5.41
C LEU B 146 -12.48 -19.44 -6.76
N PRO B 147 -11.64 -19.12 -7.78
CA PRO B 147 -12.13 -19.04 -9.15
C PRO B 147 -12.64 -20.44 -9.52
N GLU B 148 -13.62 -20.53 -10.43
CA GLU B 148 -14.20 -21.82 -10.83
C GLU B 148 -13.14 -22.86 -11.29
N ASN B 149 -12.17 -22.46 -12.14
CA ASN B 149 -11.14 -23.39 -12.62
C ASN B 149 -10.32 -23.98 -11.44
N VAL B 150 -10.00 -23.14 -10.44
CA VAL B 150 -9.24 -23.56 -9.26
C VAL B 150 -10.04 -24.55 -8.42
N HIS B 151 -11.36 -24.28 -8.24
CA HIS B 151 -12.30 -25.14 -7.53
C HIS B 151 -12.31 -26.52 -8.21
N GLN B 152 -12.38 -26.55 -9.56
CA GLN B 152 -12.34 -27.80 -10.32
C GLN B 152 -11.01 -28.56 -10.14
N ALA B 153 -9.87 -27.85 -10.22
CA ALA B 153 -8.56 -28.48 -10.06
C ALA B 153 -8.35 -28.99 -8.63
N LEU B 154 -8.90 -28.26 -7.62
CA LEU B 154 -8.74 -28.66 -6.23
C LEU B 154 -9.52 -29.93 -5.95
N MET B 155 -10.75 -30.03 -6.46
CA MET B 155 -11.54 -31.25 -6.27
C MET B 155 -10.82 -32.43 -6.92
N ALA B 156 -10.27 -32.23 -8.13
CA ALA B 156 -9.53 -33.28 -8.85
C ALA B 156 -8.30 -33.75 -8.03
N LYS B 157 -7.59 -32.79 -7.43
CA LYS B 157 -6.37 -33.04 -6.64
C LYS B 157 -6.70 -33.83 -5.37
N LEU B 158 -7.76 -33.43 -4.65
CA LEU B 158 -8.18 -34.11 -3.44
C LEU B 158 -8.78 -35.48 -3.69
N ALA B 159 -9.35 -35.71 -4.88
CA ALA B 159 -9.92 -37.01 -5.23
C ALA B 159 -8.84 -38.10 -5.38
N VAL B 160 -7.61 -37.72 -5.75
CA VAL B 160 -6.52 -38.70 -5.95
C VAL B 160 -5.46 -38.68 -4.84
#